data_5KVA
#
_entry.id   5KVA
#
_cell.length_a   55.531
_cell.length_b   91.562
_cell.length_c   55.783
_cell.angle_alpha   90.00
_cell.angle_beta   90.69
_cell.angle_gamma   90.00
#
_symmetry.space_group_name_H-M   'P 1 21 1'
#
loop_
_entity.id
_entity.type
_entity.pdbx_description
1 polymer 'caffeoyl-CoA O-methyltransferase'
2 non-polymer S-ADENOSYLMETHIONINE
3 non-polymer 'CALCIUM ION'
4 water water
#
_entity_poly.entity_id   1
_entity_poly.type   'polypeptide(L)'
_entity_poly.pdbx_seq_one_letter_code
;MHHHHHHSSGTDDDDKAMATTATEAAKAAPAEQANGNANGEQKTRHSEVGHKSLLKSDDLYQYILDTSVYPREPESMKEL
REITAKHPWNLMTTSADEGQFLNMLIKLIGAKKTMEIGVYTGYSLLATALALPEDGTILAMDINRENYELGLPCIEKAGV
AHKIDFREGPALPVLDDLIADEKNHGSFDFVFVDADKDNYLNYHDRLLKLVKLGGLIGYDNTLWNGSVVLPDDAPMRKYI
RFYRDFVLVLNKALAADERVEICQLPVGDGVTLCRRVK
;
_entity_poly.pdbx_strand_id   A,B
#
# COMPACT_ATOMS: atom_id res chain seq x y z
N LYS A 52 9.93 17.11 -6.28
CA LYS A 52 8.84 17.25 -5.32
C LYS A 52 8.52 15.93 -4.61
N SER A 53 8.20 14.89 -5.38
CA SER A 53 7.80 13.59 -4.83
C SER A 53 9.01 12.77 -4.41
N LEU A 54 8.76 11.57 -3.90
CA LEU A 54 9.84 10.66 -3.51
C LEU A 54 10.35 9.84 -4.69
N LEU A 55 9.74 10.02 -5.85
CA LEU A 55 10.01 9.17 -6.99
C LEU A 55 11.20 9.68 -7.82
N LYS A 56 11.74 8.83 -8.67
CA LYS A 56 12.96 9.19 -9.39
C LYS A 56 12.74 10.35 -10.34
N SER A 57 11.52 10.57 -10.80
CA SER A 57 11.27 11.74 -11.64
C SER A 57 9.88 12.33 -11.44
N ASP A 58 9.81 13.65 -11.59
CA ASP A 58 8.53 14.35 -11.54
C ASP A 58 7.61 13.83 -12.65
N ASP A 59 8.19 13.50 -13.79
CA ASP A 59 7.40 12.93 -14.89
C ASP A 59 6.70 11.65 -14.45
N LEU A 60 7.45 10.75 -13.81
CA LEU A 60 6.87 9.47 -13.41
C LEU A 60 5.75 9.70 -12.38
N TYR A 61 6.00 10.55 -11.40
CA TYR A 61 4.98 10.91 -10.41
C TYR A 61 3.74 11.52 -11.06
N GLN A 62 3.94 12.47 -11.97
CA GLN A 62 2.81 13.11 -12.65
C GLN A 62 2.02 12.11 -13.48
N TYR A 63 2.72 11.12 -14.03
CA TYR A 63 2.04 10.05 -14.78
C TYR A 63 1.05 9.30 -13.91
N ILE A 64 1.47 8.95 -12.71
CA ILE A 64 0.60 8.23 -11.78
C ILE A 64 -0.63 9.07 -11.48
N LEU A 65 -0.42 10.35 -11.15
CA LEU A 65 -1.52 11.25 -10.86
C LEU A 65 -2.49 11.35 -12.05
N ASP A 66 -1.94 11.62 -13.23
CA ASP A 66 -2.78 11.86 -14.40
C ASP A 66 -3.49 10.60 -14.87
N THR A 67 -2.79 9.46 -14.77
CA THR A 67 -3.30 8.20 -15.32
C THR A 67 -4.24 7.51 -14.34
N SER A 68 -3.82 7.45 -13.08
CA SER A 68 -4.45 6.54 -12.13
C SER A 68 -5.11 7.20 -10.92
N VAL A 69 -4.85 8.48 -10.68
CA VAL A 69 -5.41 9.15 -9.50
C VAL A 69 -6.52 10.16 -9.83
N TYR A 70 -6.18 11.23 -10.55
CA TYR A 70 -7.17 12.27 -10.83
C TYR A 70 -8.43 11.79 -11.58
N PRO A 71 -8.30 10.83 -12.52
CA PRO A 71 -9.55 10.45 -13.21
C PRO A 71 -10.58 9.83 -12.26
N ARG A 72 -10.15 9.37 -11.09
CA ARG A 72 -11.07 8.71 -10.20
C ARG A 72 -11.24 9.45 -8.87
N GLU A 73 -10.57 10.59 -8.72
CA GLU A 73 -10.71 11.39 -7.51
C GLU A 73 -12.15 11.86 -7.32
N PRO A 74 -12.76 11.57 -6.16
CA PRO A 74 -14.14 12.04 -5.93
C PRO A 74 -14.25 13.55 -6.08
N GLU A 75 -15.37 14.06 -6.59
CA GLU A 75 -15.51 15.49 -6.84
C GLU A 75 -15.36 16.33 -5.58
N SER A 76 -15.82 15.80 -4.45
CA SER A 76 -15.67 16.53 -3.20
C SER A 76 -14.21 16.71 -2.81
N MET A 77 -13.37 15.73 -3.14
CA MET A 77 -11.95 15.81 -2.81
C MET A 77 -11.24 16.77 -3.75
N LYS A 78 -11.60 16.71 -5.03
CA LYS A 78 -11.11 17.70 -5.98
C LYS A 78 -11.46 19.09 -5.47
N GLU A 79 -12.70 19.26 -5.03
CA GLU A 79 -13.16 20.53 -4.49
C GLU A 79 -12.32 20.99 -3.29
N LEU A 80 -12.10 20.07 -2.35
CA LEU A 80 -11.35 20.40 -1.15
C LEU A 80 -9.89 20.72 -1.48
N ARG A 81 -9.32 19.96 -2.42
CA ARG A 81 -7.93 20.19 -2.84
C ARG A 81 -7.75 21.59 -3.41
N GLU A 82 -8.69 22.01 -4.27
CA GLU A 82 -8.55 23.31 -4.91
C GLU A 82 -8.73 24.47 -3.93
N ILE A 83 -9.62 24.30 -2.96
CA ILE A 83 -9.77 25.25 -1.84
C ILE A 83 -8.48 25.34 -1.02
N THR A 84 -7.94 24.18 -0.68
CA THR A 84 -6.75 24.09 0.16
C THR A 84 -5.53 24.70 -0.53
N ALA A 85 -5.44 24.52 -1.85
CA ALA A 85 -4.29 25.01 -2.60
C ALA A 85 -4.12 26.52 -2.48
N LYS A 86 -5.20 27.22 -2.13
CA LYS A 86 -5.16 28.68 -1.97
C LYS A 86 -4.75 29.11 -0.57
N HIS A 87 -4.74 28.16 0.36
CA HIS A 87 -4.40 28.45 1.75
C HIS A 87 -2.88 28.48 1.94
N PRO A 88 -2.38 29.42 2.77
CA PRO A 88 -0.93 29.60 2.93
C PRO A 88 -0.20 28.34 3.43
N TRP A 89 -0.90 27.45 4.12
CA TRP A 89 -0.24 26.25 4.66
C TRP A 89 -0.43 25.02 3.77
N ASN A 90 -0.72 25.25 2.49
CA ASN A 90 -1.15 24.17 1.59
C ASN A 90 -0.14 23.03 1.44
N LEU A 91 1.13 23.29 1.75
CA LEU A 91 2.14 22.24 1.71
C LEU A 91 1.88 21.10 2.72
N MET A 92 1.07 21.39 3.72
CA MET A 92 0.71 20.41 4.73
C MET A 92 -0.36 19.42 4.30
N THR A 93 -0.98 19.66 3.15
CA THR A 93 -2.11 18.82 2.78
C THR A 93 -1.64 17.44 2.32
N THR A 94 -2.52 16.45 2.43
CA THR A 94 -2.19 15.11 1.96
C THR A 94 -2.30 15.05 0.43
N SER A 95 -1.29 14.47 -0.23
CA SER A 95 -1.28 14.43 -1.69
C SER A 95 -2.42 13.57 -2.23
N ALA A 96 -2.80 13.80 -3.48
CA ALA A 96 -3.94 13.09 -4.06
C ALA A 96 -3.66 11.60 -4.14
N ASP A 97 -2.43 11.23 -4.47
CA ASP A 97 -2.10 9.80 -4.52
C ASP A 97 -2.20 9.14 -3.15
N GLU A 98 -1.79 9.85 -2.10
CA GLU A 98 -1.86 9.25 -0.76
C GLU A 98 -3.32 9.17 -0.32
N GLY A 99 -4.12 10.15 -0.71
CA GLY A 99 -5.54 10.13 -0.36
C GLY A 99 -6.23 8.94 -0.98
N GLN A 100 -5.85 8.64 -2.22
CA GLN A 100 -6.43 7.51 -2.91
C GLN A 100 -6.05 6.21 -2.19
N PHE A 101 -4.80 6.12 -1.77
CA PHE A 101 -4.33 4.95 -1.06
C PHE A 101 -5.10 4.74 0.26
N LEU A 102 -5.23 5.81 1.05
CA LEU A 102 -5.93 5.71 2.34
C LEU A 102 -7.37 5.28 2.14
N ASN A 103 -8.00 5.85 1.12
CA ASN A 103 -9.38 5.51 0.81
C ASN A 103 -9.51 4.02 0.47
N MET A 104 -8.62 3.50 -0.38
CA MET A 104 -8.70 2.07 -0.66
C MET A 104 -8.37 1.24 0.57
N LEU A 105 -7.40 1.70 1.36
CA LEU A 105 -6.98 0.93 2.53
C LEU A 105 -8.15 0.75 3.50
N ILE A 106 -8.90 1.82 3.70
CA ILE A 106 -10.07 1.80 4.61
C ILE A 106 -11.07 0.75 4.17
N LYS A 107 -11.33 0.71 2.87
CA LYS A 107 -12.23 -0.28 2.31
C LYS A 107 -11.65 -1.70 2.47
N LEU A 108 -10.37 -1.87 2.16
CA LEU A 108 -9.78 -3.21 2.22
C LEU A 108 -9.79 -3.80 3.62
N ILE A 109 -9.59 -2.97 4.64
CA ILE A 109 -9.52 -3.48 6.01
C ILE A 109 -10.87 -3.55 6.70
N GLY A 110 -11.92 -3.10 6.00
CA GLY A 110 -13.28 -3.06 6.54
C GLY A 110 -13.43 -2.22 7.79
N ALA A 111 -12.70 -1.11 7.87
CA ALA A 111 -12.74 -0.28 9.07
C ALA A 111 -14.10 0.42 9.19
N LYS A 112 -14.52 0.61 10.44
CA LYS A 112 -15.75 1.32 10.72
C LYS A 112 -15.50 2.49 11.66
N LYS A 113 -14.66 2.26 12.66
CA LYS A 113 -14.40 3.27 13.69
C LYS A 113 -12.94 3.69 13.68
N THR A 114 -12.69 4.93 13.32
CA THR A 114 -11.32 5.36 13.14
C THR A 114 -11.00 6.65 13.88
N MET A 115 -9.75 7.03 13.77
CA MET A 115 -9.22 8.22 14.42
C MET A 115 -8.21 8.90 13.50
N GLU A 116 -8.23 10.22 13.49
CA GLU A 116 -7.22 10.97 12.75
C GLU A 116 -6.62 12.05 13.66
N ILE A 117 -5.29 12.01 13.80
CA ILE A 117 -4.55 13.05 14.53
C ILE A 117 -3.80 13.95 13.54
N GLY A 118 -4.24 15.20 13.42
CA GLY A 118 -3.65 16.11 12.44
C GLY A 118 -4.57 16.22 11.24
N VAL A 119 -5.46 17.21 11.26
CA VAL A 119 -6.55 17.32 10.30
C VAL A 119 -6.32 18.40 9.24
N TYR A 120 -5.76 19.53 9.65
CA TYR A 120 -5.57 20.68 8.76
C TYR A 120 -6.92 20.99 8.07
N THR A 121 -6.96 21.09 6.74
CA THR A 121 -8.21 21.43 6.05
C THR A 121 -9.06 20.20 5.69
N GLY A 122 -8.52 19.01 5.90
CA GLY A 122 -9.35 17.81 5.86
C GLY A 122 -9.23 16.83 4.70
N TYR A 123 -8.19 16.93 3.87
CA TYR A 123 -8.14 16.05 2.70
C TYR A 123 -8.06 14.58 3.09
N SER A 124 -7.14 14.19 3.99
CA SER A 124 -7.11 12.78 4.40
C SER A 124 -8.38 12.41 5.17
N LEU A 125 -8.92 13.37 5.91
CA LEU A 125 -10.13 13.11 6.68
C LEU A 125 -11.30 12.80 5.76
N LEU A 126 -11.43 13.58 4.69
CA LEU A 126 -12.51 13.35 3.72
C LEU A 126 -12.29 12.05 2.96
N ALA A 127 -11.04 11.79 2.57
CA ALA A 127 -10.76 10.55 1.88
C ALA A 127 -11.20 9.36 2.74
N THR A 128 -10.96 9.48 4.04
CA THR A 128 -11.30 8.42 5.00
C THR A 128 -12.82 8.29 5.15
N ALA A 129 -13.47 9.41 5.41
CA ALA A 129 -14.92 9.46 5.63
C ALA A 129 -15.70 8.89 4.44
N LEU A 130 -15.24 9.17 3.22
CA LEU A 130 -15.93 8.67 2.03
C LEU A 130 -15.81 7.15 1.91
N ALA A 131 -14.72 6.59 2.43
CA ALA A 131 -14.49 5.15 2.32
C ALA A 131 -15.22 4.37 3.41
N LEU A 132 -15.48 5.01 4.54
CA LEU A 132 -16.14 4.33 5.66
C LEU A 132 -17.58 3.99 5.31
N PRO A 133 -18.16 3.00 6.01
CA PRO A 133 -19.59 2.75 5.84
C PRO A 133 -20.42 3.97 6.27
N GLU A 134 -21.70 4.00 5.89
CA GLU A 134 -22.54 5.16 6.16
C GLU A 134 -22.60 5.47 7.65
N ASP A 135 -22.49 4.43 8.48
CA ASP A 135 -22.54 4.59 9.92
C ASP A 135 -21.15 4.56 10.58
N GLY A 136 -20.10 4.73 9.78
CA GLY A 136 -18.75 4.77 10.31
C GLY A 136 -18.47 6.07 11.04
N THR A 137 -17.45 6.08 11.88
CA THR A 137 -17.14 7.29 12.64
C THR A 137 -15.64 7.58 12.66
N ILE A 138 -15.30 8.87 12.73
CA ILE A 138 -13.93 9.30 12.87
C ILE A 138 -13.83 10.26 14.03
N LEU A 139 -12.93 9.97 14.97
CA LEU A 139 -12.56 10.93 15.98
C LEU A 139 -11.37 11.71 15.44
N ALA A 140 -11.57 13.00 15.19
CA ALA A 140 -10.58 13.81 14.49
C ALA A 140 -10.03 14.88 15.42
N MET A 141 -8.71 14.98 15.51
CA MET A 141 -8.07 15.90 16.45
C MET A 141 -7.12 16.87 15.75
N ASP A 142 -7.26 18.16 16.07
CA ASP A 142 -6.27 19.16 15.66
C ASP A 142 -6.29 20.32 16.64
N ILE A 143 -5.12 20.91 16.88
CA ILE A 143 -5.04 22.10 17.72
C ILE A 143 -5.71 23.28 17.03
N ASN A 144 -5.80 23.20 15.70
CA ASN A 144 -6.33 24.29 14.90
C ASN A 144 -7.72 23.97 14.35
N ARG A 145 -8.73 24.69 14.85
CA ARG A 145 -10.11 24.47 14.42
C ARG A 145 -10.46 25.20 13.12
N GLU A 146 -9.94 26.40 12.94
CA GLU A 146 -10.39 27.23 11.80
C GLU A 146 -10.01 26.64 10.44
N ASN A 147 -8.85 26.00 10.35
CA ASN A 147 -8.47 25.34 9.10
C ASN A 147 -9.39 24.16 8.81
N TYR A 148 -9.79 23.43 9.86
CA TYR A 148 -10.76 22.36 9.69
C TYR A 148 -12.06 22.91 9.13
N GLU A 149 -12.50 24.04 9.67
CA GLU A 149 -13.79 24.59 9.28
C GLU A 149 -13.77 25.20 7.88
N LEU A 150 -12.57 25.48 7.37
CA LEU A 150 -12.40 25.87 5.98
C LEU A 150 -12.77 24.71 5.03
N GLY A 151 -12.48 23.49 5.46
CA GLY A 151 -12.73 22.33 4.62
C GLY A 151 -14.07 21.68 4.87
N LEU A 152 -14.61 21.89 6.06
CA LEU A 152 -15.86 21.25 6.48
C LEU A 152 -17.05 21.43 5.50
N PRO A 153 -17.18 22.60 4.85
CA PRO A 153 -18.26 22.71 3.86
C PRO A 153 -18.21 21.66 2.74
N CYS A 154 -17.02 21.34 2.22
CA CYS A 154 -16.88 20.29 1.22
C CYS A 154 -17.31 18.94 1.75
N ILE A 155 -16.96 18.69 3.01
CA ILE A 155 -17.26 17.42 3.64
C ILE A 155 -18.78 17.29 3.84
N GLU A 156 -19.42 18.37 4.27
CA GLU A 156 -20.86 18.39 4.48
C GLU A 156 -21.61 18.13 3.19
N LYS A 157 -21.18 18.82 2.13
CA LYS A 157 -21.75 18.68 0.80
C LYS A 157 -21.59 17.25 0.29
N ALA A 158 -20.49 16.62 0.68
CA ALA A 158 -20.22 15.23 0.29
C ALA A 158 -21.14 14.25 1.01
N GLY A 159 -21.83 14.72 2.04
CA GLY A 159 -22.77 13.90 2.79
C GLY A 159 -22.15 12.95 3.80
N VAL A 160 -20.93 13.23 4.25
CA VAL A 160 -20.27 12.35 5.21
C VAL A 160 -19.80 13.10 6.47
N ALA A 161 -20.18 14.36 6.60
CA ALA A 161 -19.77 15.15 7.76
C ALA A 161 -20.33 14.62 9.06
N HIS A 162 -21.44 13.87 8.99
CA HIS A 162 -22.04 13.29 10.18
C HIS A 162 -21.15 12.22 10.83
N LYS A 163 -20.16 11.73 10.08
CA LYS A 163 -19.27 10.71 10.61
C LYS A 163 -18.20 11.29 11.53
N ILE A 164 -17.98 12.60 11.44
CA ILE A 164 -16.85 13.24 12.10
C ILE A 164 -17.15 13.78 13.50
N ASP A 165 -16.35 13.36 14.47
CA ASP A 165 -16.34 13.97 15.79
C ASP A 165 -15.04 14.76 15.94
N PHE A 166 -15.07 16.04 15.57
CA PHE A 166 -13.87 16.88 15.61
C PHE A 166 -13.63 17.46 17.02
N ARG A 167 -12.39 17.31 17.49
CA ARG A 167 -11.98 17.85 18.79
C ARG A 167 -10.85 18.85 18.60
N GLU A 168 -11.06 20.08 19.05
CA GLU A 168 -10.05 21.13 19.00
C GLU A 168 -9.13 21.03 20.22
N GLY A 169 -7.81 21.02 19.97
CA GLY A 169 -6.83 20.93 21.04
C GLY A 169 -5.79 19.85 20.80
N PRO A 170 -4.79 19.77 21.68
CA PRO A 170 -3.71 18.78 21.59
C PRO A 170 -4.25 17.37 21.70
N ALA A 171 -3.74 16.46 20.89
CA ALA A 171 -4.26 15.09 20.84
C ALA A 171 -3.97 14.29 22.11
N LEU A 172 -2.80 14.47 22.71
CA LEU A 172 -2.36 13.57 23.79
C LEU A 172 -3.35 13.51 24.96
N PRO A 173 -3.84 14.66 25.47
CA PRO A 173 -4.80 14.56 26.57
C PRO A 173 -6.09 13.83 26.18
N VAL A 174 -6.51 13.96 24.93
CA VAL A 174 -7.69 13.26 24.46
C VAL A 174 -7.46 11.75 24.52
N LEU A 175 -6.28 11.33 24.09
CA LEU A 175 -5.92 9.91 24.12
C LEU A 175 -5.89 9.41 25.57
N ASP A 176 -5.36 10.22 26.46
CA ASP A 176 -5.27 9.85 27.87
C ASP A 176 -6.67 9.64 28.47
N ASP A 177 -7.59 10.54 28.16
CA ASP A 177 -8.98 10.40 28.61
C ASP A 177 -9.62 9.12 28.08
N LEU A 178 -9.44 8.84 26.80
CA LEU A 178 -9.97 7.61 26.20
C LEU A 178 -9.49 6.36 26.93
N ILE A 179 -8.19 6.33 27.20
CA ILE A 179 -7.57 5.18 27.84
C ILE A 179 -8.02 5.00 29.30
N ALA A 180 -8.38 6.11 29.95
CA ALA A 180 -8.89 6.07 31.32
C ALA A 180 -10.14 5.19 31.44
N ASP A 181 -10.91 5.09 30.35
CA ASP A 181 -12.06 4.19 30.30
C ASP A 181 -11.70 2.90 29.55
N GLU A 182 -11.82 1.76 30.21
CA GLU A 182 -11.48 0.47 29.62
C GLU A 182 -12.36 0.16 28.41
N LYS A 183 -13.55 0.75 28.42
CA LYS A 183 -14.53 0.65 27.35
C LYS A 183 -13.91 0.97 25.98
N ASN A 184 -13.00 1.93 25.98
CA ASN A 184 -12.38 2.40 24.75
C ASN A 184 -11.20 1.56 24.30
N HIS A 185 -10.77 0.63 25.15
CA HIS A 185 -9.61 -0.16 24.83
C HIS A 185 -9.91 -1.13 23.67
N GLY A 186 -9.06 -1.07 22.64
CA GLY A 186 -9.23 -1.93 21.47
C GLY A 186 -10.48 -1.64 20.67
N SER A 187 -10.98 -0.41 20.74
CA SER A 187 -12.23 -0.09 20.07
C SER A 187 -12.04 0.50 18.67
N PHE A 188 -10.84 0.95 18.34
CA PHE A 188 -10.59 1.60 17.04
C PHE A 188 -10.03 0.62 16.00
N ASP A 189 -10.46 0.77 14.75
CA ASP A 189 -10.02 -0.13 13.68
C ASP A 189 -8.78 0.44 13.00
N PHE A 190 -8.71 1.76 12.97
CA PHE A 190 -7.69 2.44 12.18
C PHE A 190 -7.36 3.81 12.76
N VAL A 191 -6.07 4.16 12.77
CA VAL A 191 -5.67 5.50 13.16
C VAL A 191 -4.67 6.06 12.14
N PHE A 192 -4.89 7.29 11.70
CA PHE A 192 -3.96 7.98 10.83
C PHE A 192 -3.33 9.12 11.63
N VAL A 193 -2.01 9.04 11.78
CA VAL A 193 -1.27 10.00 12.59
C VAL A 193 -0.45 10.90 11.67
N ASP A 194 -0.83 12.16 11.61
CA ASP A 194 -0.24 13.12 10.68
C ASP A 194 -0.10 14.46 11.36
N ALA A 195 0.70 14.49 12.42
CA ALA A 195 0.77 15.67 13.27
C ALA A 195 2.19 15.99 13.67
N ASP A 196 2.43 16.16 14.97
CA ASP A 196 3.74 16.59 15.45
C ASP A 196 4.67 15.40 15.68
N LYS A 197 5.72 15.29 14.87
CA LYS A 197 6.60 14.11 14.86
C LYS A 197 7.28 13.83 16.19
N ASP A 198 7.59 14.87 16.94
CA ASP A 198 8.29 14.63 18.21
C ASP A 198 7.37 13.98 19.25
N ASN A 199 6.10 13.82 18.90
CA ASN A 199 5.17 13.11 19.78
C ASN A 199 4.74 11.73 19.28
N TYR A 200 5.25 11.29 18.12
CA TYR A 200 4.77 10.03 17.53
C TYR A 200 5.01 8.81 18.43
N LEU A 201 6.17 8.72 19.08
CA LEU A 201 6.44 7.64 20.03
C LEU A 201 5.44 7.66 21.20
N ASN A 202 5.08 8.85 21.65
CA ASN A 202 4.09 8.97 22.71
C ASN A 202 2.70 8.56 22.25
N TYR A 203 2.31 9.00 21.05
CA TYR A 203 1.02 8.56 20.49
C TYR A 203 0.98 7.04 20.36
N HIS A 204 2.09 6.48 19.89
CA HIS A 204 2.20 5.05 19.64
C HIS A 204 1.88 4.24 20.89
N ASP A 205 2.47 4.65 22.00
CA ASP A 205 2.25 3.99 23.29
C ASP A 205 0.76 3.93 23.64
N ARG A 206 0.06 5.04 23.43
CA ARG A 206 -1.36 5.10 23.73
C ARG A 206 -2.25 4.39 22.71
N LEU A 207 -1.97 4.62 21.43
CA LEU A 207 -2.77 4.03 20.36
C LEU A 207 -2.77 2.51 20.37
N LEU A 208 -1.69 1.89 20.84
CA LEU A 208 -1.64 0.43 20.86
C LEU A 208 -2.63 -0.13 21.89
N LYS A 209 -3.07 0.72 22.81
CA LYS A 209 -4.12 0.33 23.76
C LYS A 209 -5.51 0.53 23.18
N LEU A 210 -5.63 1.51 22.28
CA LEU A 210 -6.92 1.94 21.77
C LEU A 210 -7.34 1.24 20.48
N VAL A 211 -6.35 0.77 19.72
CA VAL A 211 -6.60 0.04 18.48
C VAL A 211 -6.76 -1.45 18.74
N LYS A 212 -7.73 -2.06 18.06
CA LYS A 212 -7.99 -3.48 18.19
C LYS A 212 -6.79 -4.31 17.75
N LEU A 213 -6.66 -5.51 18.29
CA LEU A 213 -5.74 -6.49 17.73
C LEU A 213 -6.07 -6.68 16.24
N GLY A 214 -5.02 -6.69 15.41
CA GLY A 214 -5.22 -6.78 13.97
C GLY A 214 -5.54 -5.43 13.34
N GLY A 215 -5.76 -4.42 14.17
CA GLY A 215 -6.05 -3.07 13.70
C GLY A 215 -4.83 -2.38 13.12
N LEU A 216 -5.02 -1.20 12.55
CA LEU A 216 -3.98 -0.58 11.74
C LEU A 216 -3.73 0.88 12.12
N ILE A 217 -2.45 1.23 12.32
CA ILE A 217 -2.05 2.62 12.55
C ILE A 217 -1.12 3.04 11.42
N GLY A 218 -1.40 4.20 10.82
CA GLY A 218 -0.55 4.75 9.79
C GLY A 218 0.16 6.00 10.29
N TYR A 219 1.49 5.97 10.36
CA TYR A 219 2.27 7.16 10.70
C TYR A 219 2.70 7.88 9.44
N ASP A 220 2.33 9.14 9.32
CA ASP A 220 2.58 9.87 8.09
C ASP A 220 3.92 10.60 8.08
N ASN A 221 4.45 10.80 6.88
CA ASN A 221 5.68 11.54 6.61
C ASN A 221 6.94 10.89 7.16
N THR A 222 6.98 9.56 7.21
CA THR A 222 8.10 8.90 7.86
C THR A 222 9.35 8.82 6.98
N LEU A 223 9.27 9.32 5.73
CA LEU A 223 10.49 9.43 4.92
C LEU A 223 10.98 10.88 4.84
N TRP A 224 10.15 11.78 5.35
CA TRP A 224 10.51 13.16 5.70
C TRP A 224 11.38 13.85 4.64
N ASN A 225 10.81 13.96 3.44
CA ASN A 225 11.40 14.69 2.31
C ASN A 225 12.66 14.01 1.78
N GLY A 226 12.90 12.79 2.24
CA GLY A 226 14.10 12.05 1.91
C GLY A 226 15.30 12.50 2.74
N SER A 227 15.04 13.39 3.69
CA SER A 227 16.12 13.94 4.51
C SER A 227 16.75 12.87 5.40
N VAL A 228 16.04 11.76 5.57
CA VAL A 228 16.53 10.65 6.38
C VAL A 228 17.85 10.07 5.84
N VAL A 229 18.16 10.34 4.57
CA VAL A 229 19.45 9.89 4.04
C VAL A 229 20.38 11.02 3.63
N LEU A 230 20.02 12.25 3.97
CA LEU A 230 20.98 13.35 3.82
C LEU A 230 22.01 13.29 4.93
N PRO A 231 23.27 13.68 4.63
CA PRO A 231 24.24 13.83 5.71
C PRO A 231 23.80 14.97 6.62
N ASP A 232 24.27 14.98 7.86
CA ASP A 232 23.90 16.04 8.80
C ASP A 232 24.19 17.46 8.30
N ASP A 233 25.29 17.62 7.55
CA ASP A 233 25.69 18.97 7.16
C ASP A 233 25.08 19.41 5.84
N ALA A 234 24.18 18.59 5.29
CA ALA A 234 23.44 18.99 4.10
C ALA A 234 22.56 20.20 4.43
N PRO A 235 22.37 21.08 3.44
CA PRO A 235 21.45 22.21 3.66
C PRO A 235 20.04 21.69 3.94
N MET A 236 19.45 22.11 5.06
CA MET A 236 18.07 21.75 5.35
C MET A 236 17.32 22.94 5.89
N ARG A 237 16.04 23.03 5.57
CA ARG A 237 15.19 23.97 6.28
C ARG A 237 15.19 23.65 7.77
N LYS A 238 15.02 24.68 8.60
CA LYS A 238 15.05 24.53 10.05
C LYS A 238 14.08 23.45 10.54
N TYR A 239 12.83 23.50 10.06
CA TYR A 239 11.83 22.57 10.54
C TYR A 239 12.12 21.15 10.03
N ILE A 240 12.68 21.05 8.83
CA ILE A 240 13.10 19.74 8.32
C ILE A 240 14.16 19.14 9.25
N ARG A 241 15.20 19.92 9.54
CA ARG A 241 16.26 19.45 10.42
C ARG A 241 15.75 19.09 11.80
N PHE A 242 14.88 19.92 12.36
CA PHE A 242 14.39 19.67 13.71
C PHE A 242 13.66 18.34 13.81
N TYR A 243 12.72 18.10 12.92
CA TYR A 243 11.92 16.87 13.02
C TYR A 243 12.63 15.65 12.44
N ARG A 244 13.65 15.86 11.63
CA ARG A 244 14.44 14.74 11.10
C ARG A 244 14.98 13.85 12.22
N ASP A 245 15.46 14.48 13.30
CA ASP A 245 15.98 13.73 14.47
C ASP A 245 14.95 12.77 15.03
N PHE A 246 13.71 13.22 15.07
CA PHE A 246 12.65 12.40 15.65
C PHE A 246 12.20 11.31 14.69
N VAL A 247 12.19 11.62 13.41
CA VAL A 247 11.78 10.64 12.42
C VAL A 247 12.79 9.50 12.34
N LEU A 248 14.08 9.84 12.41
CA LEU A 248 15.12 8.82 12.36
C LEU A 248 14.97 7.86 13.54
N VAL A 249 14.66 8.40 14.72
CA VAL A 249 14.49 7.54 15.88
C VAL A 249 13.19 6.74 15.77
N LEU A 250 12.13 7.41 15.34
CA LEU A 250 10.82 6.77 15.21
C LEU A 250 10.90 5.52 14.34
N ASN A 251 11.56 5.65 13.19
CA ASN A 251 11.59 4.54 12.25
C ASN A 251 12.36 3.35 12.82
N LYS A 252 13.36 3.63 13.64
CA LYS A 252 14.09 2.54 14.29
C LYS A 252 13.30 1.92 15.43
N ALA A 253 12.57 2.74 16.16
CA ALA A 253 11.75 2.26 17.27
C ALA A 253 10.64 1.36 16.77
N LEU A 254 9.99 1.75 15.67
CA LEU A 254 8.93 0.93 15.10
C LEU A 254 9.50 -0.38 14.59
N ALA A 255 10.67 -0.35 13.95
CA ALA A 255 11.27 -1.58 13.45
C ALA A 255 11.57 -2.57 14.58
N ALA A 256 11.87 -2.04 15.77
CA ALA A 256 12.22 -2.87 16.93
C ALA A 256 11.02 -3.20 17.83
N ASP A 257 9.83 -2.81 17.42
CA ASP A 257 8.65 -2.97 18.27
C ASP A 257 7.84 -4.19 17.83
N GLU A 258 7.96 -5.28 18.58
CA GLU A 258 7.32 -6.52 18.18
C GLU A 258 5.81 -6.54 18.43
N ARG A 259 5.27 -5.46 19.01
CA ARG A 259 3.82 -5.32 19.17
C ARG A 259 3.13 -5.05 17.83
N VAL A 260 3.91 -4.64 16.83
CA VAL A 260 3.34 -4.38 15.52
C VAL A 260 4.14 -5.04 14.40
N GLU A 261 3.45 -5.36 13.30
CA GLU A 261 4.10 -5.66 12.04
C GLU A 261 4.11 -4.38 11.23
N ILE A 262 5.20 -4.09 10.52
CA ILE A 262 5.28 -2.79 9.85
C ILE A 262 5.50 -2.90 8.36
N CYS A 263 5.18 -1.79 7.68
CA CYS A 263 5.47 -1.68 6.26
C CYS A 263 5.57 -0.19 5.98
N GLN A 264 6.78 0.26 5.64
CA GLN A 264 7.04 1.66 5.34
C GLN A 264 6.99 1.89 3.84
N LEU A 265 5.98 2.62 3.38
CA LEU A 265 5.69 2.79 1.95
C LEU A 265 6.07 4.16 1.41
N PRO A 266 6.65 4.19 0.21
CA PRO A 266 7.04 5.45 -0.42
C PRO A 266 5.87 6.11 -1.14
N VAL A 267 4.75 6.20 -0.43
CA VAL A 267 3.58 6.95 -0.86
C VAL A 267 3.61 8.32 -0.20
N GLY A 268 3.28 9.39 -0.92
CA GLY A 268 3.34 10.72 -0.34
C GLY A 268 4.74 11.04 0.16
N ASP A 269 4.85 11.36 1.43
CA ASP A 269 6.14 11.67 2.06
C ASP A 269 6.57 10.49 2.93
N GLY A 270 6.08 9.31 2.55
CA GLY A 270 6.32 8.10 3.32
C GLY A 270 5.18 7.89 4.29
N VAL A 271 4.66 6.68 4.37
CA VAL A 271 3.71 6.34 5.41
C VAL A 271 4.08 4.95 5.92
N THR A 272 4.12 4.81 7.25
CA THR A 272 4.46 3.53 7.83
C THR A 272 3.21 2.92 8.42
N LEU A 273 2.79 1.80 7.83
CA LEU A 273 1.64 1.05 8.30
C LEU A 273 2.06 0.12 9.43
N CYS A 274 1.33 0.19 10.54
CA CYS A 274 1.63 -0.64 11.68
C CYS A 274 0.42 -1.46 12.05
N ARG A 275 0.52 -2.78 11.88
CA ARG A 275 -0.59 -3.68 12.20
C ARG A 275 -0.38 -4.27 13.59
N ARG A 276 -1.33 -4.04 14.50
CA ARG A 276 -1.17 -4.50 15.87
C ARG A 276 -1.28 -6.03 15.98
N VAL A 277 -0.25 -6.68 16.53
CA VAL A 277 -0.26 -8.13 16.65
C VAL A 277 -0.12 -8.61 18.10
N LYS A 278 0.17 -7.69 19.02
CA LYS A 278 0.19 -8.00 20.46
C LYS A 278 -0.51 -6.88 21.21
N HIS B 51 18.86 3.54 -10.02
CA HIS B 51 18.51 2.41 -10.89
C HIS B 51 17.82 1.28 -10.11
N LYS B 52 18.27 1.06 -8.88
CA LYS B 52 17.73 -0.02 -8.04
C LYS B 52 16.20 0.04 -7.87
N SER B 53 15.64 1.24 -8.01
CA SER B 53 14.24 1.45 -7.64
C SER B 53 13.57 2.59 -8.41
N LEU B 54 12.31 2.81 -8.11
CA LEU B 54 11.55 3.92 -8.70
C LEU B 54 11.69 5.20 -7.87
N LEU B 55 12.50 5.14 -6.83
CA LEU B 55 12.62 6.22 -5.87
C LEU B 55 13.70 7.21 -6.30
N LYS B 56 13.71 8.39 -5.69
CA LYS B 56 14.59 9.45 -6.19
C LYS B 56 16.07 9.17 -5.96
N SER B 57 16.40 8.27 -5.04
CA SER B 57 17.79 7.86 -4.90
C SER B 57 17.90 6.43 -4.42
N ASP B 58 18.96 5.76 -4.86
CA ASP B 58 19.29 4.44 -4.35
C ASP B 58 19.43 4.52 -2.82
N ASP B 59 20.04 5.60 -2.33
CA ASP B 59 20.23 5.75 -0.89
C ASP B 59 18.90 5.67 -0.13
N LEU B 60 17.89 6.38 -0.63
CA LEU B 60 16.60 6.42 0.03
C LEU B 60 15.95 5.04 0.01
N TYR B 61 16.09 4.37 -1.12
CA TYR B 61 15.56 3.02 -1.25
C TYR B 61 16.29 2.06 -0.30
N GLN B 62 17.61 2.21 -0.23
CA GLN B 62 18.40 1.34 0.64
C GLN B 62 18.03 1.59 2.10
N TYR B 63 17.72 2.84 2.42
CA TYR B 63 17.29 3.17 3.77
C TYR B 63 16.01 2.41 4.13
N ILE B 64 15.05 2.36 3.21
CA ILE B 64 13.81 1.64 3.49
C ILE B 64 14.12 0.17 3.76
N LEU B 65 14.92 -0.44 2.90
CA LEU B 65 15.27 -1.86 3.08
C LEU B 65 15.99 -2.08 4.42
N ASP B 66 17.04 -1.31 4.67
CA ASP B 66 17.88 -1.52 5.85
C ASP B 66 17.14 -1.25 7.16
N THR B 67 16.25 -0.26 7.12
CA THR B 67 15.58 0.21 8.33
C THR B 67 14.31 -0.57 8.62
N SER B 68 13.52 -0.81 7.58
CA SER B 68 12.16 -1.27 7.78
C SER B 68 11.83 -2.62 7.17
N VAL B 69 12.68 -3.14 6.30
CA VAL B 69 12.38 -4.41 5.65
C VAL B 69 13.25 -5.56 6.16
N TYR B 70 14.55 -5.49 5.92
CA TYR B 70 15.42 -6.61 6.28
C TYR B 70 15.41 -7.01 7.77
N PRO B 71 15.27 -6.04 8.70
CA PRO B 71 15.18 -6.49 10.11
C PRO B 71 13.93 -7.32 10.41
N ARG B 72 12.93 -7.25 9.54
CA ARG B 72 11.67 -7.97 9.75
C ARG B 72 11.46 -9.14 8.79
N GLU B 73 12.39 -9.35 7.87
CA GLU B 73 12.21 -10.37 6.83
C GLU B 73 12.28 -11.78 7.43
N PRO B 74 11.23 -12.60 7.23
CA PRO B 74 11.28 -13.97 7.76
C PRO B 74 12.52 -14.72 7.25
N GLU B 75 13.08 -15.57 8.08
CA GLU B 75 14.31 -16.27 7.73
C GLU B 75 14.15 -17.08 6.45
N SER B 76 12.97 -17.66 6.24
CA SER B 76 12.72 -18.48 5.06
C SER B 76 12.78 -17.65 3.78
N MET B 77 12.33 -16.40 3.86
CA MET B 77 12.37 -15.50 2.71
C MET B 77 13.79 -15.02 2.44
N LYS B 78 14.54 -14.71 3.50
CA LYS B 78 15.96 -14.43 3.35
C LYS B 78 16.65 -15.59 2.65
N GLU B 79 16.32 -16.82 3.06
CA GLU B 79 16.92 -18.00 2.46
C GLU B 79 16.59 -18.13 0.97
N LEU B 80 15.31 -17.97 0.63
CA LEU B 80 14.88 -18.05 -0.76
C LEU B 80 15.53 -16.95 -1.61
N ARG B 81 15.64 -15.75 -1.02
CA ARG B 81 16.23 -14.60 -1.70
C ARG B 81 17.70 -14.87 -2.05
N GLU B 82 18.44 -15.43 -1.10
CA GLU B 82 19.86 -15.70 -1.31
C GLU B 82 20.07 -16.83 -2.32
N ILE B 83 19.17 -17.81 -2.32
CA ILE B 83 19.19 -18.84 -3.34
C ILE B 83 18.88 -18.26 -4.70
N THR B 84 17.83 -17.45 -4.75
CA THR B 84 17.39 -16.87 -6.02
C THR B 84 18.46 -15.94 -6.60
N ALA B 85 19.18 -15.22 -5.74
CA ALA B 85 20.19 -14.26 -6.19
C ALA B 85 21.27 -14.92 -7.04
N LYS B 86 21.47 -16.22 -6.85
CA LYS B 86 22.48 -16.96 -7.59
C LYS B 86 21.99 -17.46 -8.96
N HIS B 87 20.68 -17.42 -9.17
CA HIS B 87 20.08 -17.90 -10.41
C HIS B 87 20.22 -16.84 -11.52
N PRO B 88 20.44 -17.29 -12.77
CA PRO B 88 20.64 -16.35 -13.89
C PRO B 88 19.49 -15.36 -14.10
N TRP B 89 18.26 -15.76 -13.82
CA TRP B 89 17.09 -14.89 -14.02
C TRP B 89 16.69 -14.13 -12.75
N ASN B 90 17.63 -13.93 -11.84
CA ASN B 90 17.32 -13.32 -10.53
C ASN B 90 16.66 -11.96 -10.58
N LEU B 91 16.81 -11.23 -11.69
CA LEU B 91 16.22 -9.90 -11.77
C LEU B 91 14.70 -9.96 -11.86
N MET B 92 14.16 -11.14 -12.13
CA MET B 92 12.71 -11.36 -12.16
C MET B 92 12.08 -11.50 -10.78
N THR B 93 12.91 -11.62 -9.73
CA THR B 93 12.36 -11.87 -8.42
C THR B 93 11.68 -10.62 -7.86
N THR B 94 10.73 -10.85 -6.95
CA THR B 94 10.04 -9.77 -6.28
C THR B 94 10.95 -9.19 -5.17
N SER B 95 11.07 -7.86 -5.16
CA SER B 95 11.94 -7.19 -4.20
C SER B 95 11.48 -7.41 -2.77
N ALA B 96 12.41 -7.30 -1.81
CA ALA B 96 12.07 -7.57 -0.42
C ALA B 96 11.02 -6.59 0.09
N ASP B 97 11.09 -5.32 -0.32
CA ASP B 97 10.09 -4.36 0.13
C ASP B 97 8.71 -4.70 -0.42
N GLU B 98 8.65 -5.13 -1.69
CA GLU B 98 7.35 -5.51 -2.24
C GLU B 98 6.83 -6.77 -1.56
N GLY B 99 7.73 -7.71 -1.27
CA GLY B 99 7.35 -8.92 -0.56
C GLY B 99 6.72 -8.61 0.78
N GLN B 100 7.32 -7.66 1.49
CA GLN B 100 6.80 -7.26 2.79
C GLN B 100 5.41 -6.67 2.63
N PHE B 101 5.24 -5.83 1.62
CA PHE B 101 3.95 -5.20 1.38
C PHE B 101 2.87 -6.23 1.06
N LEU B 102 3.18 -7.19 0.18
CA LEU B 102 2.20 -8.23 -0.17
C LEU B 102 1.79 -9.04 1.06
N ASN B 103 2.78 -9.39 1.88
CA ASN B 103 2.55 -10.10 3.14
C ASN B 103 1.59 -9.34 4.07
N MET B 104 1.82 -8.05 4.27
CA MET B 104 0.92 -7.29 5.14
C MET B 104 -0.46 -7.20 4.52
N LEU B 105 -0.50 -6.96 3.20
CA LEU B 105 -1.76 -6.81 2.47
C LEU B 105 -2.67 -8.02 2.65
N ILE B 106 -2.10 -9.22 2.50
CA ILE B 106 -2.85 -10.46 2.67
C ILE B 106 -3.50 -10.52 4.05
N LYS B 107 -2.74 -10.14 5.07
CA LYS B 107 -3.28 -10.12 6.43
C LYS B 107 -4.39 -9.09 6.59
N LEU B 108 -4.16 -7.90 6.06
CA LEU B 108 -5.12 -6.80 6.20
C LEU B 108 -6.46 -7.13 5.56
N ILE B 109 -6.44 -7.78 4.40
CA ILE B 109 -7.70 -8.08 3.71
C ILE B 109 -8.31 -9.41 4.15
N GLY B 110 -7.65 -10.12 5.06
CA GLY B 110 -8.18 -11.37 5.57
C GLY B 110 -8.37 -12.44 4.52
N ALA B 111 -7.48 -12.47 3.52
CA ALA B 111 -7.56 -13.46 2.45
C ALA B 111 -7.29 -14.88 2.92
N LYS B 112 -7.90 -15.85 2.24
CA LYS B 112 -7.73 -17.26 2.55
C LYS B 112 -7.45 -18.09 1.30
N LYS B 113 -8.16 -17.77 0.23
CA LYS B 113 -8.00 -18.48 -1.04
C LYS B 113 -7.47 -17.53 -2.09
N THR B 114 -6.27 -17.79 -2.58
CA THR B 114 -5.64 -16.88 -3.53
C THR B 114 -5.06 -17.57 -4.75
N MET B 115 -4.49 -16.76 -5.62
CA MET B 115 -3.97 -17.21 -6.89
C MET B 115 -2.74 -16.38 -7.24
N GLU B 116 -1.70 -17.02 -7.77
CA GLU B 116 -0.56 -16.28 -8.27
C GLU B 116 -0.26 -16.72 -9.71
N ILE B 117 -0.18 -15.75 -10.60
CA ILE B 117 0.25 -15.99 -11.96
C ILE B 117 1.65 -15.41 -12.16
N GLY B 118 2.64 -16.28 -12.36
CA GLY B 118 4.03 -15.84 -12.47
C GLY B 118 4.75 -16.09 -11.16
N VAL B 119 5.36 -17.27 -11.03
CA VAL B 119 5.92 -17.73 -9.76
C VAL B 119 7.44 -17.63 -9.70
N TYR B 120 8.12 -17.90 -10.82
CA TYR B 120 9.58 -17.94 -10.85
C TYR B 120 10.04 -18.84 -9.69
N THR B 121 10.95 -18.37 -8.83
CA THR B 121 11.44 -19.21 -7.74
C THR B 121 10.64 -19.08 -6.46
N GLY B 122 9.63 -18.21 -6.47
CA GLY B 122 8.64 -18.21 -5.42
C GLY B 122 8.69 -17.18 -4.30
N TYR B 123 9.44 -16.09 -4.47
CA TYR B 123 9.56 -15.14 -3.36
C TYR B 123 8.21 -14.49 -3.03
N SER B 124 7.48 -14.03 -4.04
CA SER B 124 6.16 -13.47 -3.77
C SER B 124 5.22 -14.57 -3.30
N LEU B 125 5.41 -15.78 -3.84
CA LEU B 125 4.57 -16.90 -3.43
C LEU B 125 4.73 -17.22 -1.95
N LEU B 126 5.97 -17.23 -1.48
CA LEU B 126 6.26 -17.49 -0.08
C LEU B 126 5.75 -16.37 0.82
N ALA B 127 5.97 -15.13 0.41
CA ALA B 127 5.47 -13.98 1.17
C ALA B 127 3.97 -14.13 1.41
N THR B 128 3.27 -14.56 0.38
CA THR B 128 1.84 -14.76 0.44
C THR B 128 1.47 -15.95 1.33
N ALA B 129 2.12 -17.09 1.10
CA ALA B 129 1.80 -18.30 1.85
C ALA B 129 2.03 -18.12 3.35
N LEU B 130 3.07 -17.38 3.69
CA LEU B 130 3.37 -17.12 5.09
C LEU B 130 2.27 -16.29 5.73
N ALA B 131 1.66 -15.39 4.96
CA ALA B 131 0.67 -14.48 5.52
C ALA B 131 -0.71 -15.13 5.69
N LEU B 132 -1.01 -16.10 4.82
CA LEU B 132 -2.31 -16.76 4.82
C LEU B 132 -2.51 -17.58 6.07
N PRO B 133 -3.78 -17.82 6.45
CA PRO B 133 -3.98 -18.74 7.59
C PRO B 133 -3.46 -20.14 7.28
N GLU B 134 -3.37 -20.98 8.31
CA GLU B 134 -2.78 -22.30 8.13
C GLU B 134 -3.54 -23.12 7.08
N ASP B 135 -4.84 -22.89 6.95
CA ASP B 135 -5.66 -23.61 5.99
C ASP B 135 -5.90 -22.83 4.70
N GLY B 136 -5.14 -21.76 4.49
CA GLY B 136 -5.24 -20.99 3.25
C GLY B 136 -4.70 -21.74 2.06
N THR B 137 -5.11 -21.33 0.85
CA THR B 137 -4.61 -21.98 -0.36
C THR B 137 -4.17 -20.98 -1.42
N ILE B 138 -3.19 -21.37 -2.22
CA ILE B 138 -2.79 -20.58 -3.38
C ILE B 138 -2.77 -21.48 -4.60
N LEU B 139 -3.51 -21.09 -5.62
CA LEU B 139 -3.38 -21.70 -6.93
C LEU B 139 -2.30 -20.94 -7.66
N ALA B 140 -1.17 -21.60 -7.89
CA ALA B 140 0.03 -20.94 -8.43
C ALA B 140 0.33 -21.46 -9.82
N MET B 141 0.56 -20.54 -10.75
CA MET B 141 0.74 -20.93 -12.15
C MET B 141 2.01 -20.36 -12.77
N ASP B 142 2.76 -21.22 -13.45
CA ASP B 142 3.91 -20.76 -14.21
C ASP B 142 4.20 -21.73 -15.35
N ILE B 143 4.70 -21.21 -16.47
CA ILE B 143 5.08 -22.07 -17.58
C ILE B 143 6.32 -22.89 -17.25
N ASN B 144 7.07 -22.43 -16.26
CA ASN B 144 8.35 -23.02 -15.89
C ASN B 144 8.27 -23.66 -14.52
N ARG B 145 8.36 -24.99 -14.47
CA ARG B 145 8.29 -25.74 -13.22
C ARG B 145 9.64 -25.81 -12.48
N GLU B 146 10.71 -25.88 -13.25
CA GLU B 146 12.04 -26.10 -12.68
C GLU B 146 12.44 -24.98 -11.72
N ASN B 147 12.12 -23.74 -12.09
CA ASN B 147 12.47 -22.62 -11.22
C ASN B 147 11.64 -22.61 -9.93
N TYR B 148 10.37 -22.98 -10.04
CA TYR B 148 9.54 -23.17 -8.85
C TYR B 148 10.16 -24.21 -7.91
N GLU B 149 10.58 -25.34 -8.47
CA GLU B 149 11.10 -26.42 -7.65
C GLU B 149 12.45 -26.06 -7.02
N LEU B 150 13.11 -25.06 -7.57
CA LEU B 150 14.32 -24.53 -6.97
C LEU B 150 14.04 -23.89 -5.62
N GLY B 151 12.90 -23.21 -5.51
CA GLY B 151 12.56 -22.52 -4.28
C GLY B 151 11.67 -23.31 -3.34
N LEU B 152 11.01 -24.33 -3.88
CA LEU B 152 10.07 -25.14 -3.09
C LEU B 152 10.65 -25.69 -1.78
N PRO B 153 11.92 -26.13 -1.76
CA PRO B 153 12.46 -26.58 -0.47
C PRO B 153 12.44 -25.53 0.64
N CYS B 154 12.71 -24.26 0.34
CA CYS B 154 12.57 -23.21 1.36
C CYS B 154 11.13 -23.11 1.84
N ILE B 155 10.19 -23.23 0.89
CA ILE B 155 8.79 -23.11 1.23
C ILE B 155 8.36 -24.30 2.10
N GLU B 156 8.84 -25.49 1.77
CA GLU B 156 8.54 -26.69 2.54
C GLU B 156 9.09 -26.57 3.96
N LYS B 157 10.33 -26.11 4.06
CA LYS B 157 10.97 -25.91 5.36
C LYS B 157 10.24 -24.84 6.20
N ALA B 158 9.67 -23.83 5.53
CA ALA B 158 8.92 -22.80 6.24
C ALA B 158 7.58 -23.31 6.74
N GLY B 159 7.22 -24.53 6.32
CA GLY B 159 6.00 -25.16 6.77
C GLY B 159 4.72 -24.66 6.15
N VAL B 160 4.80 -24.04 4.97
CA VAL B 160 3.59 -23.57 4.30
C VAL B 160 3.43 -24.10 2.86
N ALA B 161 4.20 -25.11 2.49
CA ALA B 161 4.13 -25.66 1.14
C ALA B 161 2.82 -26.40 0.87
N HIS B 162 2.18 -26.88 1.93
CA HIS B 162 0.92 -27.58 1.78
C HIS B 162 -0.18 -26.68 1.23
N LYS B 163 0.02 -25.36 1.28
CA LYS B 163 -1.00 -24.42 0.82
C LYS B 163 -1.02 -24.27 -0.70
N ILE B 164 0.06 -24.72 -1.33
CA ILE B 164 0.28 -24.41 -2.74
C ILE B 164 -0.17 -25.53 -3.68
N ASP B 165 -1.01 -25.16 -4.64
CA ASP B 165 -1.42 -26.02 -5.75
C ASP B 165 -0.72 -25.47 -6.98
N PHE B 166 0.45 -26.01 -7.30
CA PHE B 166 1.22 -25.51 -8.44
C PHE B 166 0.80 -26.20 -9.73
N ARG B 167 0.57 -25.40 -10.77
CA ARG B 167 0.22 -25.89 -12.09
C ARG B 167 1.25 -25.40 -13.10
N GLU B 168 1.81 -26.34 -13.86
CA GLU B 168 2.79 -26.04 -14.91
C GLU B 168 2.07 -25.78 -16.23
N GLY B 169 2.42 -24.66 -16.87
CA GLY B 169 1.80 -24.27 -18.14
C GLY B 169 1.29 -22.83 -18.14
N PRO B 170 0.79 -22.38 -19.31
CA PRO B 170 0.22 -21.03 -19.43
C PRO B 170 -1.03 -20.87 -18.57
N ALA B 171 -1.16 -19.70 -17.95
CA ALA B 171 -2.25 -19.45 -17.00
C ALA B 171 -3.63 -19.33 -17.65
N LEU B 172 -3.70 -18.74 -18.85
CA LEU B 172 -5.00 -18.43 -19.46
C LEU B 172 -5.94 -19.65 -19.57
N PRO B 173 -5.44 -20.79 -20.07
CA PRO B 173 -6.35 -21.95 -20.17
C PRO B 173 -6.79 -22.48 -18.81
N VAL B 174 -5.97 -22.27 -17.78
CA VAL B 174 -6.37 -22.67 -16.43
C VAL B 174 -7.53 -21.78 -15.99
N LEU B 175 -7.39 -20.48 -16.22
CA LEU B 175 -8.48 -19.55 -15.90
C LEU B 175 -9.75 -19.94 -16.65
N ASP B 176 -9.59 -20.30 -17.93
CA ASP B 176 -10.76 -20.65 -18.73
C ASP B 176 -11.46 -21.88 -18.14
N ASP B 177 -10.64 -22.86 -17.75
CA ASP B 177 -11.16 -24.09 -17.16
C ASP B 177 -11.89 -23.81 -15.85
N LEU B 178 -11.33 -22.93 -15.03
CA LEU B 178 -11.99 -22.54 -13.78
C LEU B 178 -13.33 -21.90 -14.05
N ILE B 179 -13.36 -21.02 -15.04
CA ILE B 179 -14.54 -20.25 -15.36
C ILE B 179 -15.66 -21.15 -15.91
N ALA B 180 -15.28 -22.26 -16.52
CA ALA B 180 -16.25 -23.20 -17.10
C ALA B 180 -17.13 -23.84 -16.03
N ASP B 181 -16.70 -23.76 -14.78
CA ASP B 181 -17.44 -24.35 -13.66
C ASP B 181 -17.89 -23.24 -12.71
N GLU B 182 -19.20 -23.00 -12.66
CA GLU B 182 -19.76 -21.91 -11.88
C GLU B 182 -19.36 -21.92 -10.39
N LYS B 183 -19.00 -23.08 -9.87
CA LYS B 183 -18.57 -23.19 -8.47
C LYS B 183 -17.34 -22.32 -8.19
N ASN B 184 -16.58 -22.02 -9.23
CA ASN B 184 -15.35 -21.24 -9.06
C ASN B 184 -15.60 -19.74 -9.16
N HIS B 185 -16.76 -19.35 -9.64
CA HIS B 185 -17.05 -17.93 -9.82
C HIS B 185 -17.09 -17.21 -8.48
N GLY B 186 -16.38 -16.08 -8.40
CA GLY B 186 -16.33 -15.29 -7.18
C GLY B 186 -15.76 -16.00 -5.98
N SER B 187 -14.87 -16.97 -6.21
CA SER B 187 -14.37 -17.79 -5.10
C SER B 187 -13.00 -17.38 -4.59
N PHE B 188 -12.29 -16.53 -5.33
CA PHE B 188 -10.94 -16.13 -4.91
C PHE B 188 -10.93 -14.80 -4.18
N ASP B 189 -10.11 -14.71 -3.14
CA ASP B 189 -9.98 -13.51 -2.32
C ASP B 189 -8.98 -12.55 -2.92
N PHE B 190 -7.90 -13.11 -3.47
CA PHE B 190 -6.78 -12.30 -3.92
C PHE B 190 -6.06 -12.95 -5.08
N VAL B 191 -5.63 -12.14 -6.04
CA VAL B 191 -4.83 -12.62 -7.15
C VAL B 191 -3.64 -11.71 -7.38
N PHE B 192 -2.44 -12.30 -7.45
CA PHE B 192 -1.24 -11.55 -7.80
C PHE B 192 -0.83 -11.93 -9.22
N VAL B 193 -0.75 -10.93 -10.08
CA VAL B 193 -0.46 -11.14 -11.50
C VAL B 193 0.91 -10.55 -11.85
N ASP B 194 1.90 -11.41 -12.06
CA ASP B 194 3.28 -11.00 -12.24
C ASP B 194 3.90 -11.80 -13.39
N ALA B 195 3.47 -11.51 -14.61
CA ALA B 195 3.77 -12.41 -15.72
C ALA B 195 3.82 -11.69 -17.04
N ASP B 196 3.15 -12.23 -18.05
CA ASP B 196 3.27 -11.69 -19.41
C ASP B 196 2.29 -10.52 -19.71
N LYS B 197 2.86 -9.33 -19.93
CA LYS B 197 2.08 -8.10 -20.09
C LYS B 197 1.07 -8.10 -21.22
N ASP B 198 1.40 -8.79 -22.31
CA ASP B 198 0.51 -8.86 -23.46
C ASP B 198 -0.76 -9.66 -23.14
N ASN B 199 -0.81 -10.27 -21.95
CA ASN B 199 -2.00 -10.97 -21.53
C ASN B 199 -2.69 -10.38 -20.32
N TYR B 200 -2.20 -9.24 -19.79
CA TYR B 200 -2.78 -8.71 -18.54
C TYR B 200 -4.27 -8.36 -18.70
N LEU B 201 -4.64 -7.67 -19.77
CA LEU B 201 -6.06 -7.32 -19.96
C LEU B 201 -6.90 -8.59 -20.19
N ASN B 202 -6.35 -9.59 -20.86
CA ASN B 202 -7.06 -10.87 -20.98
C ASN B 202 -7.26 -11.49 -19.59
N TYR B 203 -6.20 -11.55 -18.80
CA TYR B 203 -6.31 -12.07 -17.44
C TYR B 203 -7.37 -11.29 -16.66
N HIS B 204 -7.35 -9.97 -16.81
CA HIS B 204 -8.27 -9.09 -16.06
C HIS B 204 -9.74 -9.49 -16.27
N ASP B 205 -10.15 -9.71 -17.52
CA ASP B 205 -11.56 -10.09 -17.74
C ASP B 205 -11.90 -11.46 -17.13
N ARG B 206 -10.96 -12.41 -17.21
CA ARG B 206 -11.17 -13.73 -16.58
C ARG B 206 -11.23 -13.62 -15.07
N LEU B 207 -10.30 -12.85 -14.50
CA LEU B 207 -10.16 -12.77 -13.04
C LEU B 207 -11.33 -12.05 -12.40
N LEU B 208 -11.94 -11.11 -13.12
CA LEU B 208 -13.09 -10.44 -12.53
C LEU B 208 -14.26 -11.41 -12.38
N LYS B 209 -14.23 -12.55 -13.06
CA LYS B 209 -15.27 -13.56 -12.84
C LYS B 209 -14.93 -14.47 -11.67
N LEU B 210 -13.63 -14.64 -11.42
CA LEU B 210 -13.14 -15.60 -10.43
C LEU B 210 -12.95 -14.99 -9.04
N VAL B 211 -12.75 -13.68 -8.98
CA VAL B 211 -12.54 -12.98 -7.70
C VAL B 211 -13.85 -12.48 -7.11
N LYS B 212 -14.01 -12.63 -5.78
CA LYS B 212 -15.24 -12.23 -5.10
C LYS B 212 -15.46 -10.72 -5.19
N LEU B 213 -16.71 -10.27 -5.08
CA LEU B 213 -16.98 -8.84 -4.91
C LEU B 213 -16.20 -8.38 -3.69
N GLY B 214 -15.46 -7.27 -3.83
CA GLY B 214 -14.65 -6.77 -2.74
C GLY B 214 -13.27 -7.40 -2.69
N GLY B 215 -13.04 -8.39 -3.55
CA GLY B 215 -11.77 -9.08 -3.66
C GLY B 215 -10.74 -8.19 -4.32
N LEU B 216 -9.50 -8.65 -4.37
CA LEU B 216 -8.39 -7.79 -4.77
C LEU B 216 -7.48 -8.49 -5.79
N ILE B 217 -7.18 -7.77 -6.87
CA ILE B 217 -6.22 -8.21 -7.86
C ILE B 217 -5.08 -7.23 -7.86
N GLY B 218 -3.86 -7.73 -7.79
CA GLY B 218 -2.69 -6.88 -7.92
C GLY B 218 -1.94 -7.20 -9.20
N TYR B 219 -1.81 -6.21 -10.08
CA TYR B 219 -1.03 -6.35 -11.31
C TYR B 219 0.37 -5.82 -11.09
N ASP B 220 1.36 -6.69 -11.30
CA ASP B 220 2.73 -6.30 -11.01
C ASP B 220 3.45 -5.66 -12.20
N ASN B 221 4.39 -4.77 -11.87
CA ASN B 221 5.29 -4.10 -12.83
C ASN B 221 4.59 -3.11 -13.76
N THR B 222 3.55 -2.46 -13.25
CA THR B 222 2.78 -1.55 -14.10
C THR B 222 3.43 -0.17 -14.30
N LEU B 223 4.55 0.09 -13.64
CA LEU B 223 5.31 1.31 -13.95
C LEU B 223 6.51 1.00 -14.85
N TRP B 224 6.81 -0.28 -14.99
CA TRP B 224 7.66 -0.80 -16.07
C TRP B 224 8.97 0.00 -16.22
N ASN B 225 9.73 0.05 -15.13
CA ASN B 225 11.03 0.71 -15.09
C ASN B 225 10.96 2.22 -15.34
N GLY B 226 9.76 2.77 -15.28
CA GLY B 226 9.55 4.18 -15.54
C GLY B 226 9.55 4.49 -17.03
N SER B 227 9.60 3.45 -17.86
CA SER B 227 9.57 3.62 -19.31
C SER B 227 8.26 4.22 -19.79
N VAL B 228 7.24 4.16 -18.94
CA VAL B 228 5.94 4.74 -19.27
C VAL B 228 5.98 6.25 -19.53
N VAL B 229 7.01 6.94 -19.03
CA VAL B 229 7.15 8.37 -19.34
C VAL B 229 8.38 8.70 -20.18
N LEU B 230 9.00 7.68 -20.75
CA LEU B 230 10.06 7.90 -21.71
C LEU B 230 9.43 8.11 -23.08
N PRO B 231 10.06 8.93 -23.94
CA PRO B 231 9.58 9.04 -25.31
C PRO B 231 9.87 7.75 -26.09
N ASP B 232 9.13 7.47 -27.15
CA ASP B 232 9.39 6.29 -27.99
C ASP B 232 10.84 6.31 -28.48
N ASP B 233 11.36 7.53 -28.59
CA ASP B 233 12.71 7.82 -29.04
C ASP B 233 13.81 7.26 -28.11
N ALA B 234 13.56 7.29 -26.81
CA ALA B 234 14.60 7.06 -25.81
C ALA B 234 15.23 5.67 -25.84
N PRO B 235 16.49 5.56 -25.39
CA PRO B 235 17.15 4.26 -25.24
C PRO B 235 16.50 3.40 -24.16
N MET B 236 16.14 2.18 -24.52
CA MET B 236 15.65 1.23 -23.54
C MET B 236 15.94 -0.20 -24.00
N ARG B 237 16.06 -1.11 -23.03
CA ARG B 237 16.30 -2.51 -23.34
C ARG B 237 15.15 -3.08 -24.17
N LYS B 238 15.47 -4.10 -24.95
CA LYS B 238 14.52 -4.63 -25.90
C LYS B 238 13.24 -5.15 -25.23
N TYR B 239 13.37 -5.87 -24.12
CA TYR B 239 12.17 -6.45 -23.50
C TYR B 239 11.31 -5.35 -22.89
N ILE B 240 11.95 -4.26 -22.48
CA ILE B 240 11.22 -3.11 -21.96
C ILE B 240 10.41 -2.46 -23.07
N ARG B 241 11.07 -2.16 -24.18
CA ARG B 241 10.38 -1.59 -25.33
C ARG B 241 9.27 -2.51 -25.84
N PHE B 242 9.52 -3.82 -25.83
CA PHE B 242 8.55 -4.78 -26.35
C PHE B 242 7.17 -4.68 -25.70
N TYR B 243 7.15 -4.54 -24.37
CA TYR B 243 5.90 -4.62 -23.62
C TYR B 243 5.38 -3.27 -23.18
N ARG B 244 6.15 -2.22 -23.44
CA ARG B 244 5.85 -0.89 -22.93
C ARG B 244 4.48 -0.38 -23.38
N ASP B 245 4.09 -0.65 -24.64
CA ASP B 245 2.81 -0.13 -25.08
C ASP B 245 1.67 -0.96 -24.53
N PHE B 246 1.89 -2.25 -24.33
CA PHE B 246 0.91 -3.06 -23.60
C PHE B 246 0.65 -2.48 -22.23
N VAL B 247 1.71 -2.02 -21.57
CA VAL B 247 1.58 -1.49 -20.23
C VAL B 247 0.86 -0.14 -20.22
N LEU B 248 1.20 0.75 -21.15
CA LEU B 248 0.51 2.04 -21.25
C LEU B 248 -0.99 1.84 -21.47
N VAL B 249 -1.33 0.89 -22.34
CA VAL B 249 -2.74 0.65 -22.63
C VAL B 249 -3.43 0.04 -21.42
N LEU B 250 -2.78 -0.95 -20.81
CA LEU B 250 -3.27 -1.56 -19.57
C LEU B 250 -3.60 -0.50 -18.54
N ASN B 251 -2.67 0.40 -18.29
CA ASN B 251 -2.88 1.33 -17.18
C ASN B 251 -4.07 2.23 -17.45
N LYS B 252 -4.23 2.65 -18.71
CA LYS B 252 -5.39 3.46 -19.10
C LYS B 252 -6.70 2.68 -18.96
N ALA B 253 -6.69 1.44 -19.43
CA ALA B 253 -7.86 0.57 -19.39
C ALA B 253 -8.30 0.29 -17.96
N LEU B 254 -7.35 0.03 -17.06
CA LEU B 254 -7.73 -0.21 -15.67
C LEU B 254 -8.31 1.04 -15.04
N ALA B 255 -7.74 2.21 -15.34
CA ALA B 255 -8.25 3.47 -14.78
C ALA B 255 -9.66 3.78 -15.29
N ALA B 256 -10.01 3.21 -16.44
CA ALA B 256 -11.31 3.45 -17.08
C ALA B 256 -12.35 2.37 -16.75
N ASP B 257 -11.94 1.37 -16.00
CA ASP B 257 -12.80 0.21 -15.80
C ASP B 257 -13.63 0.38 -14.53
N GLU B 258 -14.91 0.66 -14.68
CA GLU B 258 -15.74 0.94 -13.52
C GLU B 258 -16.07 -0.31 -12.69
N ARG B 259 -15.67 -1.48 -13.16
CA ARG B 259 -15.84 -2.72 -12.37
C ARG B 259 -14.86 -2.81 -11.21
N VAL B 260 -13.84 -1.94 -11.21
CA VAL B 260 -12.84 -1.96 -10.14
C VAL B 260 -12.54 -0.56 -9.66
N GLU B 261 -12.09 -0.48 -8.41
CA GLU B 261 -11.45 0.73 -7.87
C GLU B 261 -9.96 0.46 -7.92
N ILE B 262 -9.13 1.44 -8.30
CA ILE B 262 -7.71 1.13 -8.43
C ILE B 262 -6.82 1.98 -7.54
N CYS B 263 -5.59 1.50 -7.35
CA CYS B 263 -4.55 2.33 -6.74
C CYS B 263 -3.21 1.84 -7.28
N GLN B 264 -2.51 2.70 -8.03
CA GLN B 264 -1.23 2.31 -8.63
C GLN B 264 -0.10 2.81 -7.74
N LEU B 265 0.61 1.88 -7.11
CA LEU B 265 1.59 2.23 -6.09
C LEU B 265 3.01 2.07 -6.61
N PRO B 266 3.90 2.99 -6.21
CA PRO B 266 5.32 2.95 -6.58
C PRO B 266 6.12 2.07 -5.64
N VAL B 267 5.58 0.88 -5.42
CA VAL B 267 6.27 -0.21 -4.75
C VAL B 267 6.88 -1.13 -5.83
N GLY B 268 8.13 -1.52 -5.65
CA GLY B 268 8.77 -2.40 -6.60
C GLY B 268 8.90 -1.70 -7.94
N ASP B 269 8.35 -2.34 -8.97
CA ASP B 269 8.32 -1.78 -10.32
C ASP B 269 6.91 -1.28 -10.63
N GLY B 270 6.20 -0.94 -9.56
CA GLY B 270 4.81 -0.53 -9.66
C GLY B 270 3.87 -1.70 -9.47
N VAL B 271 2.87 -1.53 -8.62
CA VAL B 271 1.84 -2.56 -8.51
C VAL B 271 0.50 -1.85 -8.50
N THR B 272 -0.40 -2.29 -9.36
CA THR B 272 -1.71 -1.67 -9.39
C THR B 272 -2.71 -2.57 -8.69
N LEU B 273 -3.23 -2.09 -7.57
CA LEU B 273 -4.25 -2.79 -6.81
C LEU B 273 -5.63 -2.51 -7.39
N CYS B 274 -6.39 -3.58 -7.66
CA CYS B 274 -7.73 -3.45 -8.24
C CYS B 274 -8.74 -4.16 -7.35
N ARG B 275 -9.62 -3.37 -6.73
N ARG B 275 -9.60 -3.38 -6.73
CA ARG B 275 -10.64 -3.91 -5.85
CA ARG B 275 -10.64 -3.91 -5.85
C ARG B 275 -11.93 -4.07 -6.63
C ARG B 275 -11.93 -4.07 -6.64
N ARG B 276 -12.45 -5.29 -6.69
CA ARG B 276 -13.65 -5.53 -7.49
C ARG B 276 -14.90 -4.90 -6.84
N VAL B 277 -15.59 -4.01 -7.56
CA VAL B 277 -16.79 -3.39 -6.99
C VAL B 277 -18.08 -3.63 -7.80
N LYS B 278 -17.94 -4.26 -8.97
CA LYS B 278 -19.10 -4.75 -9.73
C LYS B 278 -18.81 -6.17 -10.18
#